data_6PAJ
#
_entry.id   6PAJ
#
_cell.length_a   61.212
_cell.length_b   58.952
_cell.length_c   70.860
_cell.angle_alpha   90.000
_cell.angle_beta   102.860
_cell.angle_gamma   90.000
#
_symmetry.space_group_name_H-M   'P 1 21 1'
#
loop_
_entity.id
_entity.type
_entity.pdbx_description
1 polymer 'Sensor protein SrrB'
2 non-polymer (4S)-2-METHYL-2,4-PENTANEDIOL
3 water water
#
_entity_poly.entity_id   1
_entity_poly.type   'polypeptide(L)'
_entity_poly.pdbx_seq_one_letter_code
;NLDQMKKDFIANVSHELRTPISLLQGYTESIVDGIVTEPDEIKESLAIVLDESKRLNRLVNELLNVARMDAEGLSVNKEV
QPIAALLDKMKIKYRQQADDLGLNMTFNYCKKRVWSYDMDRMDQVLTNLIDNASRYTKPGDEIAITCDENESEDILYIKD
TGTGIAPEHLQQVFDRFYKVDAARTRGKQGTGLGLFICKMIIEEHGGSIDVKSELGKGTTFIIKLPKPE
;
_entity_poly.pdbx_strand_id   A,B
#
loop_
_chem_comp.id
_chem_comp.type
_chem_comp.name
_chem_comp.formula
MPD non-polymer (4S)-2-METHYL-2,4-PENTANEDIOL 'C6 H14 O2'
#
# COMPACT_ATOMS: atom_id res chain seq x y z
N LEU A 2 -2.09 -18.26 0.06
CA LEU A 2 -1.04 -18.86 0.93
C LEU A 2 -0.43 -17.76 1.78
N ASP A 3 -0.56 -17.96 3.09
CA ASP A 3 -0.37 -16.93 4.09
C ASP A 3 1.10 -16.50 4.16
N GLN A 4 2.03 -17.43 4.00
N GLN A 4 2.05 -17.44 4.01
CA GLN A 4 3.44 -17.08 4.00
CA GLN A 4 3.48 -17.07 4.00
C GLN A 4 3.79 -16.31 2.72
C GLN A 4 3.81 -16.31 2.71
N MET A 5 3.13 -16.61 1.60
CA MET A 5 3.39 -15.87 0.35
C MET A 5 2.99 -14.41 0.58
N LYS A 6 1.81 -14.19 1.14
CA LYS A 6 1.31 -12.84 1.39
C LYS A 6 2.17 -12.14 2.43
N LYS A 7 2.55 -12.85 3.49
CA LYS A 7 3.40 -12.25 4.54
C LYS A 7 4.75 -11.86 3.93
N ASP A 8 5.31 -12.73 3.10
CA ASP A 8 6.61 -12.46 2.47
C ASP A 8 6.47 -11.29 1.49
N PHE A 9 5.38 -11.27 0.73
CA PHE A 9 5.17 -10.15 -0.21
C PHE A 9 5.09 -8.80 0.52
N ILE A 10 4.36 -8.73 1.62
CA ILE A 10 4.18 -7.45 2.38
C ILE A 10 5.54 -7.03 2.94
N ALA A 11 6.28 -7.99 3.49
CA ALA A 11 7.64 -7.72 4.01
C ALA A 11 8.54 -7.16 2.91
N ASN A 12 8.42 -7.72 1.71
CA ASN A 12 9.28 -7.26 0.63
CA ASN A 12 9.28 -7.26 0.63
C ASN A 12 8.86 -5.84 0.21
N VAL A 13 7.55 -5.65 0.11
CA VAL A 13 6.93 -4.37 -0.27
C VAL A 13 7.31 -3.28 0.76
N SER A 14 7.25 -3.62 2.04
CA SER A 14 7.67 -2.70 3.13
C SER A 14 9.10 -2.19 2.91
N HIS A 15 10.02 -3.13 2.61
CA HIS A 15 11.42 -2.79 2.36
C HIS A 15 11.58 -1.92 1.13
N GLU A 16 10.87 -2.21 0.03
CA GLU A 16 11.05 -1.46 -1.22
C GLU A 16 10.39 -0.09 -1.14
N LEU A 17 9.33 0.06 -0.35
CA LEU A 17 8.72 1.38 -0.26
C LEU A 17 9.57 2.30 0.64
N ARG A 18 10.18 1.75 1.66
CA ARG A 18 10.92 2.55 2.66
C ARG A 18 12.01 3.40 2.00
N THR A 19 12.77 2.81 1.08
CA THR A 19 13.95 3.44 0.53
C THR A 19 13.57 4.76 -0.16
N PRO A 20 12.66 4.75 -1.17
CA PRO A 20 12.31 5.99 -1.86
C PRO A 20 11.67 7.02 -0.91
N ILE A 21 10.84 6.61 0.03
CA ILE A 21 10.19 7.54 0.96
CA ILE A 21 10.19 7.54 0.96
C ILE A 21 11.26 8.21 1.84
N SER A 22 12.26 7.41 2.27
CA SER A 22 13.37 7.97 3.08
C SER A 22 14.17 9.00 2.29
N LEU A 23 14.48 8.68 1.04
CA LEU A 23 15.20 9.59 0.17
C LEU A 23 14.42 10.89 -0.08
N LEU A 24 13.11 10.80 -0.41
CA LEU A 24 12.30 11.99 -0.67
C LEU A 24 12.38 12.92 0.54
N GLN A 25 12.07 12.37 1.71
CA GLN A 25 12.04 13.13 2.94
C GLN A 25 13.44 13.69 3.26
N GLY A 26 14.51 12.88 3.20
CA GLY A 26 15.83 13.30 3.64
C GLY A 26 16.46 14.34 2.72
N TYR A 27 16.40 14.12 1.42
CA TYR A 27 17.04 15.00 0.47
C TYR A 27 16.29 16.35 0.40
N THR A 28 14.97 16.34 0.56
CA THR A 28 14.14 17.56 0.61
C THR A 28 14.45 18.37 1.89
N GLU A 29 14.44 17.68 3.01
CA GLU A 29 14.62 18.31 4.30
C GLU A 29 15.96 19.07 4.38
N SER A 30 17.02 18.53 3.75
CA SER A 30 18.37 19.16 3.76
C SER A 30 18.32 20.53 3.08
N ILE A 31 17.49 20.62 2.05
CA ILE A 31 17.26 21.87 1.33
CA ILE A 31 17.28 21.88 1.35
C ILE A 31 16.40 22.80 2.19
N VAL A 32 15.29 22.31 2.77
CA VAL A 32 14.45 23.23 3.50
C VAL A 32 15.23 23.74 4.73
N ASP A 33 16.07 22.92 5.36
CA ASP A 33 16.76 23.30 6.61
C ASP A 33 17.98 24.17 6.32
N GLY A 34 18.29 24.46 5.06
CA GLY A 34 19.42 25.30 4.65
C GLY A 34 20.79 24.61 4.74
N ILE A 35 20.82 23.28 4.74
N ILE A 35 20.83 23.28 4.74
CA ILE A 35 22.09 22.53 4.74
CA ILE A 35 22.12 22.56 4.74
C ILE A 35 22.64 22.47 3.32
C ILE A 35 22.65 22.47 3.31
N VAL A 36 21.78 22.17 2.36
CA VAL A 36 22.17 22.08 0.97
C VAL A 36 21.64 23.33 0.25
N THR A 37 22.56 24.10 -0.34
CA THR A 37 22.33 25.51 -0.53
C THR A 37 22.73 26.00 -1.92
N GLU A 38 23.83 25.47 -2.45
CA GLU A 38 24.39 25.95 -3.71
C GLU A 38 23.56 25.35 -4.86
N PRO A 39 23.41 26.10 -5.96
CA PRO A 39 22.47 25.71 -7.04
C PRO A 39 22.77 24.34 -7.65
N ASP A 40 24.02 24.07 -8.03
CA ASP A 40 24.47 22.72 -8.51
C ASP A 40 23.90 21.59 -7.61
N GLU A 41 24.07 21.81 -6.30
CA GLU A 41 23.76 20.88 -5.19
C GLU A 41 22.26 20.64 -5.13
N ILE A 42 21.50 21.72 -5.08
CA ILE A 42 20.04 21.63 -5.00
C ILE A 42 19.49 20.93 -6.25
C ILE A 42 19.49 20.93 -6.25
N LYS A 43 20.10 21.18 -7.40
CA LYS A 43 19.66 20.59 -8.66
C LYS A 43 19.78 19.06 -8.58
N GLU A 44 20.90 18.61 -8.05
CA GLU A 44 21.22 17.21 -8.02
C GLU A 44 20.29 16.55 -6.99
N SER A 45 20.00 17.24 -5.87
CA SER A 45 19.13 16.73 -4.83
C SER A 45 17.70 16.61 -5.37
N LEU A 46 17.22 17.60 -6.13
CA LEU A 46 15.82 17.57 -6.59
C LEU A 46 15.65 16.56 -7.73
N ALA A 47 16.73 16.27 -8.47
CA ALA A 47 16.68 15.21 -9.49
C ALA A 47 16.46 13.86 -8.82
N ILE A 48 17.10 13.64 -7.67
N ILE A 48 17.10 13.64 -7.67
CA ILE A 48 16.94 12.40 -6.89
CA ILE A 48 16.94 12.40 -6.89
C ILE A 48 15.49 12.32 -6.35
C ILE A 48 15.49 12.32 -6.35
N VAL A 49 14.99 13.42 -5.76
CA VAL A 49 13.59 13.49 -5.25
C VAL A 49 12.60 13.15 -6.39
N LEU A 50 12.79 13.74 -7.55
CA LEU A 50 11.91 13.51 -8.69
C LEU A 50 11.96 12.05 -9.14
N ASP A 51 13.18 11.53 -9.26
CA ASP A 51 13.38 10.17 -9.70
C ASP A 51 12.78 9.19 -8.68
N GLU A 52 12.97 9.47 -7.40
CA GLU A 52 12.44 8.58 -6.37
C GLU A 52 10.92 8.70 -6.27
N SER A 53 10.35 9.86 -6.57
CA SER A 53 8.90 10.00 -6.54
C SER A 53 8.26 9.13 -7.62
N LYS A 54 8.88 9.07 -8.81
CA LYS A 54 8.45 8.21 -9.92
C LYS A 54 8.59 6.75 -9.53
N ARG A 55 9.72 6.36 -8.93
CA ARG A 55 9.89 4.99 -8.46
C ARG A 55 8.77 4.63 -7.46
N LEU A 56 8.49 5.49 -6.50
CA LEU A 56 7.49 5.24 -5.47
C LEU A 56 6.11 5.00 -6.11
N ASN A 57 5.78 5.85 -7.07
CA ASN A 57 4.50 5.83 -7.76
C ASN A 57 4.34 4.47 -8.47
N ARG A 58 5.39 4.04 -9.17
CA ARG A 58 5.37 2.76 -9.88
C ARG A 58 5.14 1.64 -8.89
N LEU A 59 5.81 1.74 -7.73
CA LEU A 59 5.73 0.69 -6.76
C LEU A 59 4.32 0.64 -6.14
N VAL A 60 3.80 1.84 -5.85
CA VAL A 60 2.49 1.93 -5.21
C VAL A 60 1.43 1.33 -6.16
N ASN A 61 1.45 1.71 -7.43
CA ASN A 61 0.49 1.19 -8.44
C ASN A 61 0.61 -0.33 -8.57
N GLU A 62 1.83 -0.85 -8.59
CA GLU A 62 2.05 -2.30 -8.72
C GLU A 62 1.46 -3.01 -7.50
N LEU A 63 1.68 -2.43 -6.30
CA LEU A 63 1.17 -3.07 -5.04
C LEU A 63 -0.37 -3.05 -5.03
N LEU A 64 -0.98 -1.93 -5.43
CA LEU A 64 -2.43 -1.83 -5.31
C LEU A 64 -3.11 -2.75 -6.33
N ASN A 65 -2.52 -2.90 -7.51
CA ASN A 65 -2.99 -3.87 -8.52
C ASN A 65 -3.01 -5.26 -7.91
N VAL A 66 -1.95 -5.66 -7.25
CA VAL A 66 -1.92 -6.97 -6.64
C VAL A 66 -3.01 -7.05 -5.56
N ALA A 67 -3.20 -5.98 -4.79
CA ALA A 67 -4.22 -6.00 -3.71
C ALA A 67 -5.62 -6.16 -4.33
N ARG A 68 -5.91 -5.40 -5.38
CA ARG A 68 -7.20 -5.50 -6.07
C ARG A 68 -7.43 -6.93 -6.56
N MET A 69 -6.39 -7.54 -7.11
CA MET A 69 -6.45 -8.88 -7.65
C MET A 69 -6.78 -9.88 -6.55
N ASP A 70 -6.17 -9.72 -5.36
CA ASP A 70 -6.43 -10.63 -4.24
C ASP A 70 -7.86 -10.41 -3.72
N ALA A 71 -8.33 -9.16 -3.76
CA ALA A 71 -9.60 -8.76 -3.15
C ALA A 71 -10.81 -9.24 -3.97
N GLU A 72 -10.65 -9.45 -5.28
CA GLU A 72 -11.75 -9.92 -6.14
C GLU A 72 -11.77 -11.46 -6.16
N GLY A 73 -10.81 -12.10 -5.50
CA GLY A 73 -10.69 -13.54 -5.45
C GLY A 73 -10.73 -14.17 -6.84
N LEU A 74 -11.54 -15.22 -6.95
CA LEU A 74 -11.69 -16.00 -8.18
C LEU A 74 -12.88 -15.49 -9.00
N SER A 75 -13.38 -14.29 -8.77
CA SER A 75 -14.57 -13.80 -9.52
C SER A 75 -14.21 -13.53 -10.99
N VAL A 76 -14.76 -14.34 -11.91
CA VAL A 76 -14.54 -14.14 -13.35
C VAL A 76 -15.88 -14.26 -14.09
N ASN A 77 -16.20 -13.23 -14.82
CA ASN A 77 -17.36 -13.26 -15.64
C ASN A 77 -16.89 -12.92 -17.06
N LYS A 78 -16.61 -13.93 -17.89
CA LYS A 78 -16.06 -13.61 -19.20
C LYS A 78 -17.15 -13.01 -20.02
N GLU A 79 -16.74 -12.14 -20.92
CA GLU A 79 -17.63 -11.51 -21.81
C GLU A 79 -16.96 -11.55 -23.16
N VAL A 80 -17.78 -11.62 -24.18
CA VAL A 80 -17.30 -11.85 -25.46
C VAL A 80 -17.06 -10.47 -26.04
N GLN A 81 -15.84 -10.20 -26.50
CA GLN A 81 -15.41 -8.89 -26.87
C GLN A 81 -13.99 -8.95 -27.42
N PRO A 82 -13.58 -7.97 -28.24
CA PRO A 82 -12.23 -7.99 -28.71
C PRO A 82 -11.15 -7.76 -27.63
N ILE A 83 -9.90 -8.18 -27.92
CA ILE A 83 -8.76 -8.12 -26.95
C ILE A 83 -8.09 -6.76 -27.08
N ALA A 84 -8.21 -6.17 -28.26
CA ALA A 84 -7.63 -4.90 -28.57
C ALA A 84 -8.14 -3.81 -27.61
N ALA A 85 -9.32 -3.94 -27.06
CA ALA A 85 -9.80 -3.01 -26.03
C ALA A 85 -8.91 -3.03 -24.79
N LEU A 86 -8.49 -4.22 -24.38
CA LEU A 86 -7.59 -4.46 -23.23
C LEU A 86 -6.20 -3.89 -23.53
N LEU A 87 -5.65 -4.23 -24.68
CA LEU A 87 -4.30 -3.83 -25.04
C LEU A 87 -4.21 -2.30 -25.26
N ASP A 88 -5.30 -1.67 -25.68
CA ASP A 88 -5.37 -0.19 -25.79
C ASP A 88 -5.25 0.44 -24.38
N LYS A 89 -5.88 -0.13 -23.39
CA LYS A 89 -5.72 0.43 -22.06
C LYS A 89 -4.27 0.27 -21.58
N MET A 90 -3.63 -0.86 -21.85
CA MET A 90 -2.25 -1.05 -21.41
C MET A 90 -1.35 -0.01 -22.07
N LYS A 91 -1.58 0.22 -23.35
CA LYS A 91 -0.72 1.11 -24.13
C LYS A 91 -0.75 2.52 -23.50
N ILE A 92 -1.96 2.98 -23.17
CA ILE A 92 -2.18 4.26 -22.51
C ILE A 92 -1.53 4.25 -21.12
N LYS A 93 -1.80 3.20 -20.35
CA LYS A 93 -1.41 3.16 -18.95
C LYS A 93 0.12 3.16 -18.82
N TYR A 94 0.86 2.64 -19.81
CA TYR A 94 2.31 2.54 -19.64
C TYR A 94 3.08 3.48 -20.57
N ARG A 95 2.40 4.42 -21.23
CA ARG A 95 3.07 5.31 -22.19
C ARG A 95 4.18 6.10 -21.48
N GLN A 96 3.79 6.83 -20.45
CA GLN A 96 4.75 7.67 -19.73
C GLN A 96 5.82 6.80 -19.05
N GLN A 97 5.41 5.65 -18.49
CA GLN A 97 6.36 4.85 -17.70
C GLN A 97 7.44 4.31 -18.64
N ALA A 98 7.05 4.01 -19.88
CA ALA A 98 8.01 3.43 -20.84
C ALA A 98 9.05 4.49 -21.23
N ASP A 99 8.70 5.77 -21.17
CA ASP A 99 9.70 6.85 -21.30
C ASP A 99 10.58 6.83 -20.05
N ASP A 100 10.00 7.14 -18.89
CA ASP A 100 10.71 7.16 -17.61
C ASP A 100 11.77 6.03 -17.57
N LEU A 101 11.47 4.84 -18.07
CA LEU A 101 12.41 3.72 -17.90
C LEU A 101 13.21 3.44 -19.18
N GLY A 102 12.94 4.20 -20.24
CA GLY A 102 13.65 4.01 -21.54
C GLY A 102 13.31 2.69 -22.24
N LEU A 103 12.06 2.21 -22.10
CA LEU A 103 11.65 0.88 -22.60
C LEU A 103 10.89 1.05 -23.92
N ASN A 104 11.04 0.07 -24.81
CA ASN A 104 10.26 0.03 -26.07
C ASN A 104 9.11 -0.97 -25.89
N MET A 105 7.88 -0.46 -25.80
CA MET A 105 6.71 -1.32 -25.67
C MET A 105 5.99 -1.38 -27.02
N THR A 106 5.94 -2.60 -27.57
CA THR A 106 5.33 -2.83 -28.86
C THR A 106 4.10 -3.72 -28.67
N PHE A 107 3.05 -3.39 -29.43
CA PHE A 107 1.81 -4.18 -29.46
C PHE A 107 1.51 -4.55 -30.90
N ASN A 108 1.80 -5.78 -31.27
CA ASN A 108 1.57 -6.17 -32.64
C ASN A 108 0.08 -5.97 -32.98
N TYR A 109 -0.23 -5.96 -34.26
CA TYR A 109 -1.61 -5.97 -34.67
C TYR A 109 -2.29 -7.22 -34.09
N CYS A 110 -3.49 -7.00 -33.56
CA CYS A 110 -4.31 -8.07 -33.08
C CYS A 110 -5.67 -7.84 -33.76
N LYS A 111 -6.03 -8.71 -34.71
CA LYS A 111 -7.31 -8.62 -35.40
C LYS A 111 -8.43 -8.56 -34.37
N LYS A 112 -9.48 -7.81 -34.70
CA LYS A 112 -10.53 -7.42 -33.72
C LYS A 112 -11.66 -8.46 -33.64
N ARG A 113 -11.29 -9.72 -33.82
CA ARG A 113 -12.23 -10.81 -33.54
C ARG A 113 -12.52 -10.76 -32.06
N VAL A 114 -13.72 -11.14 -31.72
CA VAL A 114 -14.13 -11.21 -30.36
C VAL A 114 -13.38 -12.36 -29.67
N TRP A 115 -12.76 -12.03 -28.50
CA TRP A 115 -12.18 -13.00 -27.56
C TRP A 115 -13.20 -13.25 -26.47
N SER A 116 -12.88 -14.07 -25.51
CA SER A 116 -13.76 -14.19 -24.47
C SER A 116 -12.98 -14.05 -23.16
N TYR A 117 -13.29 -13.03 -22.37
CA TYR A 117 -12.44 -12.71 -21.22
C TYR A 117 -13.12 -11.64 -20.34
N ASP A 118 -12.78 -11.67 -19.06
CA ASP A 118 -13.20 -10.70 -18.08
C ASP A 118 -12.20 -9.52 -18.13
N MET A 119 -12.63 -8.38 -18.66
CA MET A 119 -11.80 -7.23 -18.92
C MET A 119 -11.02 -6.80 -17.66
N ASP A 120 -11.69 -6.73 -16.52
CA ASP A 120 -11.08 -6.13 -15.35
C ASP A 120 -10.12 -7.14 -14.74
N ARG A 121 -10.43 -8.44 -14.80
CA ARG A 121 -9.50 -9.38 -14.27
C ARG A 121 -8.29 -9.49 -15.22
N MET A 122 -8.49 -9.39 -16.54
CA MET A 122 -7.35 -9.53 -17.45
C MET A 122 -6.46 -8.26 -17.39
N ASP A 123 -7.10 -7.09 -17.23
CA ASP A 123 -6.38 -5.81 -17.00
C ASP A 123 -5.45 -5.99 -15.79
N GLN A 124 -5.97 -6.55 -14.73
CA GLN A 124 -5.16 -6.81 -13.55
C GLN A 124 -3.99 -7.72 -13.87
N VAL A 125 -4.26 -8.82 -14.59
CA VAL A 125 -3.26 -9.81 -14.98
C VAL A 125 -2.18 -9.16 -15.84
N LEU A 126 -2.58 -8.48 -16.90
CA LEU A 126 -1.58 -7.88 -17.82
C LEU A 126 -0.77 -6.79 -17.10
N THR A 127 -1.46 -5.97 -16.31
CA THR A 127 -0.76 -4.99 -15.45
C THR A 127 0.35 -5.71 -14.65
N ASN A 128 0.04 -6.78 -13.94
CA ASN A 128 1.03 -7.44 -13.10
C ASN A 128 2.18 -8.03 -13.95
N LEU A 129 1.86 -8.64 -15.09
CA LEU A 129 2.90 -9.19 -15.94
C LEU A 129 3.79 -8.08 -16.50
N ILE A 130 3.22 -6.96 -16.89
CA ILE A 130 4.03 -5.86 -17.45
C ILE A 130 4.83 -5.20 -16.32
N ASP A 131 4.26 -5.12 -15.14
CA ASP A 131 4.95 -4.59 -13.96
C ASP A 131 6.19 -5.46 -13.66
N ASN A 132 5.97 -6.76 -13.65
CA ASN A 132 6.99 -7.76 -13.52
C ASN A 132 8.11 -7.56 -14.58
N ALA A 133 7.76 -7.42 -15.85
CA ALA A 133 8.77 -7.24 -16.88
C ALA A 133 9.49 -5.91 -16.69
N SER A 134 8.78 -4.91 -16.17
CA SER A 134 9.42 -3.63 -16.03
C SER A 134 10.53 -3.71 -14.97
N ARG A 135 10.49 -4.66 -14.05
CA ARG A 135 11.47 -4.64 -12.98
C ARG A 135 12.62 -5.59 -13.32
N TYR A 136 12.61 -6.19 -14.52
CA TYR A 136 13.69 -7.09 -14.91
C TYR A 136 14.31 -6.63 -16.24
N THR A 137 14.16 -5.35 -16.55
CA THR A 137 14.67 -4.77 -17.80
C THR A 137 15.51 -3.52 -17.46
N LYS A 138 16.09 -2.89 -18.48
CA LYS A 138 16.84 -1.64 -18.32
C LYS A 138 16.61 -0.77 -19.56
N PRO A 139 17.08 0.48 -19.53
CA PRO A 139 16.86 1.32 -20.71
C PRO A 139 17.36 0.68 -22.01
N GLY A 140 16.69 0.97 -23.12
CA GLY A 140 16.94 0.25 -24.37
C GLY A 140 15.99 -0.92 -24.58
N ASP A 141 15.82 -1.76 -23.54
CA ASP A 141 15.07 -3.03 -23.62
C ASP A 141 13.66 -2.83 -24.20
N GLU A 142 13.02 -3.96 -24.51
CA GLU A 142 11.71 -3.97 -25.15
C GLU A 142 10.77 -4.91 -24.37
N ILE A 143 9.51 -4.51 -24.32
CA ILE A 143 8.43 -5.42 -23.89
C ILE A 143 7.46 -5.46 -25.05
N ALA A 144 7.21 -6.64 -25.57
CA ALA A 144 6.40 -6.77 -26.79
C ALA A 144 5.25 -7.74 -26.50
N ILE A 145 4.02 -7.27 -26.71
CA ILE A 145 2.85 -8.11 -26.55
C ILE A 145 2.41 -8.55 -27.96
N THR A 146 2.17 -9.84 -28.17
CA THR A 146 1.68 -10.31 -29.51
C THR A 146 0.54 -11.33 -29.36
N CYS A 147 -0.33 -11.38 -30.35
CA CYS A 147 -1.49 -12.28 -30.33
C CYS A 147 -1.26 -13.44 -31.30
N ASP A 148 -1.83 -14.57 -30.95
CA ASP A 148 -1.76 -15.76 -31.78
C ASP A 148 -3.02 -16.60 -31.49
N GLU A 149 -3.11 -17.77 -32.08
CA GLU A 149 -4.22 -18.68 -31.85
C GLU A 149 -3.72 -20.10 -32.20
N ASN A 150 -4.26 -21.08 -31.49
CA ASN A 150 -4.19 -22.46 -31.89
C ASN A 150 -5.61 -22.86 -32.32
N GLU A 151 -5.88 -24.14 -32.47
CA GLU A 151 -7.19 -24.55 -32.99
C GLU A 151 -8.32 -24.14 -32.04
N SER A 152 -8.10 -24.21 -30.72
CA SER A 152 -9.22 -23.97 -29.83
C SER A 152 -8.94 -22.84 -28.81
N GLU A 153 -7.79 -22.18 -28.86
CA GLU A 153 -7.46 -21.16 -27.86
C GLU A 153 -6.92 -19.90 -28.52
N ASP A 154 -7.17 -18.77 -27.86
CA ASP A 154 -6.51 -17.50 -28.21
C ASP A 154 -5.25 -17.41 -27.34
N ILE A 155 -4.19 -16.82 -27.91
CA ILE A 155 -2.84 -16.82 -27.28
C ILE A 155 -2.33 -15.39 -27.24
N LEU A 156 -1.91 -14.97 -26.05
CA LEU A 156 -1.23 -13.74 -25.87
C LEU A 156 0.20 -14.08 -25.44
N TYR A 157 1.18 -13.47 -26.10
CA TYR A 157 2.57 -13.59 -25.65
C TYR A 157 3.04 -12.27 -25.05
N ILE A 158 3.65 -12.33 -23.86
CA ILE A 158 4.30 -11.17 -23.25
CA ILE A 158 4.30 -11.17 -23.25
C ILE A 158 5.80 -11.49 -23.10
N LYS A 159 6.62 -10.88 -23.94
CA LYS A 159 8.00 -11.24 -23.94
C LYS A 159 8.80 -9.97 -23.78
N ASP A 160 9.90 -10.10 -23.09
CA ASP A 160 10.71 -8.93 -22.83
C ASP A 160 12.17 -9.30 -23.13
N THR A 161 12.96 -8.30 -23.47
CA THR A 161 14.41 -8.48 -23.71
C THR A 161 15.19 -8.18 -22.41
N GLY A 162 14.92 -8.93 -21.35
CA GLY A 162 15.66 -8.81 -20.09
C GLY A 162 16.67 -9.95 -19.94
N GLY A 192 6.66 -14.06 -7.27
CA GLY A 192 5.95 -14.48 -6.06
C GLY A 192 4.43 -14.42 -6.22
N LEU A 193 3.82 -13.68 -5.32
CA LEU A 193 2.37 -13.71 -5.07
C LEU A 193 1.61 -13.19 -6.31
N GLY A 194 2.11 -12.10 -6.92
CA GLY A 194 1.45 -11.55 -8.13
C GLY A 194 1.20 -12.59 -9.21
N LEU A 195 2.28 -13.31 -9.54
CA LEU A 195 2.27 -14.35 -10.60
C LEU A 195 1.33 -15.48 -10.20
N PHE A 196 1.36 -15.86 -8.93
CA PHE A 196 0.51 -16.94 -8.49
C PHE A 196 -0.97 -16.59 -8.71
N ILE A 197 -1.36 -15.36 -8.36
CA ILE A 197 -2.76 -14.95 -8.52
C ILE A 197 -3.09 -14.81 -10.02
N CYS A 198 -2.18 -14.25 -10.81
CA CYS A 198 -2.36 -14.27 -12.29
C CYS A 198 -2.78 -15.67 -12.74
N LYS A 199 -2.06 -16.70 -12.30
CA LYS A 199 -2.32 -18.09 -12.75
C LYS A 199 -3.74 -18.52 -12.36
N MET A 200 -4.16 -18.15 -11.15
CA MET A 200 -5.48 -18.49 -10.65
C MET A 200 -6.55 -17.85 -11.53
N ILE A 201 -6.34 -16.58 -11.89
CA ILE A 201 -7.32 -15.87 -12.67
C ILE A 201 -7.41 -16.49 -14.07
N ILE A 202 -6.28 -16.81 -14.68
CA ILE A 202 -6.30 -17.34 -16.03
CA ILE A 202 -6.26 -17.36 -16.04
C ILE A 202 -6.96 -18.73 -16.00
N GLU A 203 -6.66 -19.53 -14.98
CA GLU A 203 -7.26 -20.85 -14.85
C GLU A 203 -8.78 -20.75 -14.68
N GLU A 204 -9.28 -19.69 -14.04
CA GLU A 204 -10.72 -19.47 -13.84
C GLU A 204 -11.45 -19.06 -15.14
N HIS A 205 -10.65 -18.53 -16.08
CA HIS A 205 -11.11 -18.29 -17.45
C HIS A 205 -11.17 -19.60 -18.26
N GLY A 206 -10.68 -20.70 -17.69
CA GLY A 206 -10.53 -22.02 -18.32
C GLY A 206 -9.27 -22.11 -19.17
N GLY A 207 -8.31 -21.22 -18.91
CA GLY A 207 -7.13 -21.09 -19.74
C GLY A 207 -5.89 -21.57 -19.00
N SER A 208 -4.73 -21.22 -19.51
CA SER A 208 -3.47 -21.61 -18.89
C SER A 208 -2.45 -20.48 -19.06
N ILE A 209 -1.48 -20.46 -18.14
CA ILE A 209 -0.33 -19.54 -18.23
CA ILE A 209 -0.32 -19.54 -18.29
C ILE A 209 0.95 -20.38 -18.17
N ASP A 210 1.92 -20.09 -19.04
CA ASP A 210 3.23 -20.74 -19.04
C ASP A 210 4.30 -19.65 -19.00
N VAL A 211 5.49 -20.00 -18.56
CA VAL A 211 6.61 -19.06 -18.62
C VAL A 211 7.82 -19.75 -19.27
N LYS A 212 8.47 -19.01 -20.17
CA LYS A 212 9.69 -19.45 -20.82
C LYS A 212 10.75 -18.35 -20.65
N SER A 213 11.98 -18.77 -20.40
CA SER A 213 13.07 -17.82 -20.18
C SER A 213 14.42 -18.47 -20.51
N GLU A 214 15.12 -17.84 -21.44
CA GLU A 214 16.53 -18.11 -21.69
C GLU A 214 17.35 -17.03 -20.96
N LEU A 215 18.00 -17.41 -19.83
CA LEU A 215 18.89 -16.50 -19.07
C LEU A 215 19.67 -15.60 -20.03
N GLY A 216 19.59 -14.27 -19.82
CA GLY A 216 20.21 -13.30 -20.74
C GLY A 216 19.22 -12.72 -21.75
N LYS A 217 18.60 -13.61 -22.55
CA LYS A 217 17.73 -13.20 -23.68
C LYS A 217 16.45 -12.52 -23.19
N GLY A 218 15.76 -13.11 -22.22
CA GLY A 218 14.54 -12.51 -21.65
C GLY A 218 13.51 -13.56 -21.25
N THR A 219 12.32 -13.10 -20.85
CA THR A 219 11.20 -14.00 -20.46
C THR A 219 10.01 -13.82 -21.43
N THR A 220 9.31 -14.93 -21.64
CA THR A 220 8.05 -14.93 -22.37
C THR A 220 6.97 -15.58 -21.50
N PHE A 221 5.93 -14.79 -21.19
CA PHE A 221 4.69 -15.35 -20.64
C PHE A 221 3.74 -15.68 -21.78
N ILE A 222 3.16 -16.85 -21.71
CA ILE A 222 2.21 -17.35 -22.70
C ILE A 222 0.85 -17.58 -22.02
N ILE A 223 -0.14 -16.77 -22.39
CA ILE A 223 -1.51 -16.93 -21.90
CA ILE A 223 -1.50 -16.95 -21.90
C ILE A 223 -2.35 -17.59 -23.00
N LYS A 224 -2.98 -18.69 -22.68
CA LYS A 224 -3.96 -19.32 -23.56
C LYS A 224 -5.37 -19.20 -22.94
N LEU A 225 -6.30 -18.67 -23.69
CA LEU A 225 -7.74 -18.56 -23.29
C LEU A 225 -8.61 -19.33 -24.29
N PRO A 226 -9.66 -20.01 -23.82
CA PRO A 226 -10.65 -20.66 -24.69
C PRO A 226 -11.22 -19.65 -25.70
N LYS A 227 -11.30 -20.03 -26.96
CA LYS A 227 -11.99 -19.24 -27.95
C LYS A 227 -13.46 -19.13 -27.52
N PRO A 228 -14.15 -18.11 -27.98
CA PRO A 228 -15.55 -18.04 -27.57
C PRO A 228 -16.33 -19.13 -28.31
N GLU A 229 -16.41 -18.95 -29.62
CA GLU A 229 -17.12 -19.82 -30.59
C GLU A 229 -16.92 -21.31 -30.23
N ASN B 1 -19.81 -9.51 3.45
CA ASN B 1 -19.57 -8.19 2.80
C ASN B 1 -18.15 -7.68 3.12
N LEU B 2 -17.30 -8.57 3.62
CA LEU B 2 -15.92 -8.24 3.84
C LEU B 2 -15.28 -7.91 2.48
N ASP B 3 -15.60 -8.67 1.43
CA ASP B 3 -15.01 -8.47 0.11
C ASP B 3 -15.24 -7.03 -0.37
N GLN B 4 -16.46 -6.51 -0.21
CA GLN B 4 -16.76 -5.17 -0.72
C GLN B 4 -15.99 -4.12 0.08
N MET B 5 -15.91 -4.32 1.40
CA MET B 5 -15.15 -3.46 2.31
C MET B 5 -13.70 -3.35 1.83
N LYS B 6 -13.11 -4.48 1.45
CA LYS B 6 -11.72 -4.57 0.99
C LYS B 6 -11.56 -3.79 -0.31
N LYS B 7 -12.50 -3.98 -1.23
CA LYS B 7 -12.50 -3.23 -2.50
C LYS B 7 -12.59 -1.72 -2.25
N ASP B 8 -13.52 -1.30 -1.42
CA ASP B 8 -13.68 0.11 -1.16
C ASP B 8 -12.44 0.64 -0.42
N PHE B 9 -11.83 -0.15 0.47
CA PHE B 9 -10.60 0.29 1.16
C PHE B 9 -9.51 0.51 0.11
N ILE B 10 -9.33 -0.43 -0.81
CA ILE B 10 -8.23 -0.31 -1.76
C ILE B 10 -8.45 0.92 -2.64
N ALA B 11 -9.71 1.13 -3.05
CA ALA B 11 -10.06 2.27 -3.87
C ALA B 11 -9.72 3.58 -3.15
N ASN B 12 -10.07 3.65 -1.88
CA ASN B 12 -9.86 4.87 -1.12
C ASN B 12 -8.35 5.11 -0.95
N VAL B 13 -7.64 4.06 -0.56
CA VAL B 13 -6.17 4.09 -0.38
C VAL B 13 -5.44 4.57 -1.65
N SER B 14 -5.82 4.05 -2.80
CA SER B 14 -5.18 4.49 -4.07
C SER B 14 -5.22 6.01 -4.20
N HIS B 15 -6.40 6.61 -4.00
CA HIS B 15 -6.54 8.04 -4.10
C HIS B 15 -5.67 8.75 -3.04
N GLU B 16 -5.71 8.29 -1.80
CA GLU B 16 -5.00 8.95 -0.70
C GLU B 16 -3.48 8.89 -0.88
N LEU B 17 -2.95 7.89 -1.58
CA LEU B 17 -1.52 7.82 -1.82
C LEU B 17 -1.15 8.58 -3.12
N ARG B 18 -1.96 8.51 -4.15
CA ARG B 18 -1.60 9.17 -5.42
C ARG B 18 -1.62 10.69 -5.27
N THR B 19 -2.55 11.22 -4.51
CA THR B 19 -2.68 12.66 -4.36
C THR B 19 -1.38 13.30 -3.84
N PRO B 20 -0.84 12.82 -2.70
CA PRO B 20 0.40 13.40 -2.19
C PRO B 20 1.56 13.17 -3.18
N ILE B 21 1.58 12.05 -3.89
CA ILE B 21 2.65 11.84 -4.85
C ILE B 21 2.53 12.89 -5.98
N SER B 22 1.31 13.09 -6.50
CA SER B 22 1.17 14.02 -7.63
C SER B 22 1.56 15.45 -7.20
N LEU B 23 1.28 15.79 -5.95
CA LEU B 23 1.55 17.10 -5.44
C LEU B 23 3.05 17.32 -5.28
N LEU B 24 3.77 16.39 -4.66
CA LEU B 24 5.20 16.64 -4.47
C LEU B 24 5.95 16.48 -5.80
N GLN B 25 5.49 15.61 -6.69
CA GLN B 25 6.09 15.59 -8.04
C GLN B 25 5.92 16.94 -8.75
N GLY B 26 4.70 17.46 -8.75
CA GLY B 26 4.43 18.68 -9.51
C GLY B 26 5.18 19.87 -8.96
N TYR B 27 5.31 19.95 -7.63
CA TYR B 27 6.03 21.05 -7.01
C TYR B 27 7.54 20.92 -7.27
N THR B 28 8.05 19.70 -7.21
CA THR B 28 9.47 19.46 -7.50
C THR B 28 9.77 19.80 -8.96
N GLU B 29 9.01 19.24 -9.91
CA GLU B 29 9.23 19.48 -11.34
C GLU B 29 9.14 20.96 -11.67
N SER B 30 8.28 21.64 -10.96
CA SER B 30 8.06 23.04 -11.08
C SER B 30 9.35 23.83 -10.81
N ILE B 31 10.09 23.38 -9.78
CA ILE B 31 11.40 23.98 -9.40
C ILE B 31 12.48 23.51 -10.39
N VAL B 32 12.57 22.22 -10.69
CA VAL B 32 13.71 21.79 -11.50
C VAL B 32 13.52 22.24 -12.96
N ASP B 33 12.29 22.45 -13.43
CA ASP B 33 12.07 22.91 -14.80
C ASP B 33 12.06 24.43 -14.91
N GLY B 34 12.31 25.16 -13.83
CA GLY B 34 12.48 26.60 -13.91
C GLY B 34 11.17 27.36 -14.06
N ILE B 35 10.02 26.74 -13.76
CA ILE B 35 8.73 27.46 -13.74
C ILE B 35 8.65 28.33 -12.47
N VAL B 36 9.00 27.78 -11.31
CA VAL B 36 9.04 28.58 -10.08
C VAL B 36 10.48 29.06 -9.91
N THR B 37 10.65 30.31 -9.52
CA THR B 37 11.94 30.99 -9.64
C THR B 37 12.23 31.88 -8.43
N GLU B 38 11.20 32.46 -7.84
CA GLU B 38 11.34 33.41 -6.72
C GLU B 38 11.76 32.66 -5.45
N PRO B 39 12.76 33.17 -4.70
CA PRO B 39 13.22 32.40 -3.51
C PRO B 39 12.07 32.02 -2.57
N ASP B 40 11.16 32.96 -2.26
CA ASP B 40 10.02 32.68 -1.36
C ASP B 40 9.14 31.55 -1.92
N GLU B 41 8.93 31.54 -3.23
CA GLU B 41 8.06 30.53 -3.88
C GLU B 41 8.75 29.15 -3.93
N ILE B 42 10.06 29.17 -4.18
CA ILE B 42 10.84 27.93 -4.12
C ILE B 42 10.71 27.38 -2.69
N LYS B 43 10.91 28.22 -1.69
CA LYS B 43 10.83 27.71 -0.30
C LYS B 43 9.42 27.21 0.07
N GLU B 44 8.38 27.90 -0.34
CA GLU B 44 7.04 27.47 0.01
C GLU B 44 6.75 26.14 -0.70
N SER B 45 7.27 26.01 -1.93
CA SER B 45 7.10 24.81 -2.71
C SER B 45 7.76 23.62 -2.02
N LEU B 46 8.99 23.81 -1.54
CA LEU B 46 9.77 22.73 -0.91
C LEU B 46 9.16 22.34 0.43
N ALA B 47 8.60 23.29 1.18
CA ALA B 47 7.92 22.96 2.43
C ALA B 47 6.76 22.01 2.16
N ILE B 48 6.02 22.26 1.09
CA ILE B 48 4.96 21.36 0.69
C ILE B 48 5.55 20.01 0.26
N VAL B 49 6.61 20.02 -0.54
CA VAL B 49 7.21 18.75 -0.91
C VAL B 49 7.52 17.91 0.34
N LEU B 50 8.11 18.54 1.35
CA LEU B 50 8.55 17.83 2.57
C LEU B 50 7.33 17.33 3.33
N ASP B 51 6.32 18.21 3.50
CA ASP B 51 5.07 17.86 4.19
C ASP B 51 4.39 16.65 3.56
N GLU B 52 4.26 16.66 2.23
CA GLU B 52 3.65 15.56 1.49
C GLU B 52 4.47 14.25 1.62
N SER B 53 5.82 14.37 1.67
CA SER B 53 6.66 13.23 1.85
C SER B 53 6.42 12.61 3.24
N LYS B 54 6.26 13.45 4.27
CA LYS B 54 6.02 12.94 5.62
C LYS B 54 4.62 12.32 5.71
N ARG B 55 3.64 12.94 5.04
CA ARG B 55 2.28 12.42 5.04
C ARG B 55 2.23 11.05 4.34
N LEU B 56 3.00 10.91 3.25
CA LEU B 56 3.08 9.66 2.52
C LEU B 56 3.65 8.57 3.41
N ASN B 57 4.73 8.87 4.13
CA ASN B 57 5.33 7.90 5.02
C ASN B 57 4.27 7.39 6.03
N ARG B 58 3.46 8.29 6.57
CA ARG B 58 2.48 7.95 7.61
C ARG B 58 1.38 7.11 6.98
N LEU B 59 0.95 7.51 5.79
CA LEU B 59 -0.10 6.75 5.05
C LEU B 59 0.42 5.35 4.70
N VAL B 60 1.64 5.27 4.19
CA VAL B 60 2.19 3.97 3.81
C VAL B 60 2.33 3.03 5.05
N ASN B 61 2.87 3.55 6.12
CA ASN B 61 3.02 2.72 7.35
C ASN B 61 1.67 2.28 7.89
N GLU B 62 0.66 3.15 7.84
CA GLU B 62 -0.70 2.76 8.27
C GLU B 62 -1.26 1.62 7.40
N LEU B 63 -1.14 1.76 6.07
CA LEU B 63 -1.62 0.74 5.12
C LEU B 63 -0.89 -0.59 5.33
N LEU B 64 0.42 -0.57 5.52
CA LEU B 64 1.14 -1.82 5.65
C LEU B 64 0.73 -2.52 6.95
N ASN B 65 0.50 -1.76 8.04
CA ASN B 65 -0.02 -2.36 9.29
C ASN B 65 -1.36 -3.02 9.03
N VAL B 66 -2.25 -2.37 8.28
CA VAL B 66 -3.52 -3.02 7.94
C VAL B 66 -3.25 -4.29 7.12
N ALA B 67 -2.31 -4.24 6.19
CA ALA B 67 -2.03 -5.41 5.35
C ALA B 67 -1.57 -6.60 6.23
N ARG B 68 -0.68 -6.33 7.17
CA ARG B 68 -0.12 -7.36 8.10
C ARG B 68 -1.23 -7.93 8.99
N MET B 69 -2.12 -7.08 9.46
CA MET B 69 -3.22 -7.50 10.28
C MET B 69 -4.06 -8.51 9.51
N ASP B 70 -4.42 -8.13 8.29
CA ASP B 70 -5.20 -8.97 7.42
C ASP B 70 -4.46 -10.29 7.11
N ALA B 71 -3.19 -10.22 6.73
CA ALA B 71 -2.41 -11.41 6.33
C ALA B 71 -2.29 -12.43 7.49
N GLU B 72 -2.20 -11.95 8.72
N GLU B 72 -2.19 -11.95 8.73
CA GLU B 72 -2.11 -12.80 9.90
CA GLU B 72 -2.12 -12.82 9.92
C GLU B 72 -3.48 -13.42 10.26
C GLU B 72 -3.49 -13.45 10.24
N GLY B 73 -4.57 -12.92 9.66
CA GLY B 73 -5.93 -13.47 9.91
C GLY B 73 -6.35 -13.42 11.39
N LEU B 74 -6.90 -14.51 11.87
CA LEU B 74 -7.60 -14.56 13.16
C LEU B 74 -6.72 -15.20 14.24
N SER B 75 -5.44 -15.43 13.93
CA SER B 75 -4.50 -16.13 14.82
C SER B 75 -4.23 -15.28 16.06
N VAL B 76 -4.76 -15.70 17.22
CA VAL B 76 -4.57 -15.00 18.49
C VAL B 76 -4.07 -16.02 19.54
N ASN B 77 -2.90 -15.76 20.12
CA ASN B 77 -2.27 -16.59 21.17
C ASN B 77 -2.03 -15.71 22.38
N LYS B 78 -2.97 -15.72 23.30
CA LYS B 78 -2.85 -14.81 24.40
C LYS B 78 -1.84 -15.34 25.42
N GLU B 79 -1.09 -14.43 26.01
CA GLU B 79 -0.21 -14.69 27.11
C GLU B 79 -0.52 -13.70 28.23
N VAL B 80 -0.34 -14.16 29.47
CA VAL B 80 -0.51 -13.31 30.62
C VAL B 80 0.75 -12.46 30.79
N GLN B 81 0.60 -11.14 30.79
CA GLN B 81 1.77 -10.31 30.67
C GLN B 81 1.37 -8.86 30.96
N PRO B 82 2.34 -8.04 31.37
CA PRO B 82 1.99 -6.69 31.65
C PRO B 82 1.45 -5.98 30.39
N ILE B 83 0.45 -5.12 30.59
CA ILE B 83 -0.11 -4.29 29.51
CA ILE B 83 -0.11 -4.29 29.51
C ILE B 83 0.88 -3.17 29.22
N ALA B 84 1.64 -2.77 30.24
CA ALA B 84 2.60 -1.70 30.06
C ALA B 84 3.65 -2.09 28.98
N ALA B 85 4.01 -3.37 28.85
CA ALA B 85 4.98 -3.82 27.80
C ALA B 85 4.48 -3.37 26.40
N LEU B 86 3.18 -3.58 26.13
CA LEU B 86 2.56 -3.12 24.84
C LEU B 86 2.55 -1.58 24.75
N LEU B 87 2.16 -0.91 25.81
CA LEU B 87 2.02 0.52 25.70
C LEU B 87 3.40 1.18 25.55
N ASP B 88 4.41 0.62 26.19
CA ASP B 88 5.77 1.15 26.05
C ASP B 88 6.25 0.98 24.59
N LYS B 89 5.88 -0.09 23.88
CA LYS B 89 6.17 -0.19 22.44
C LYS B 89 5.45 0.91 21.64
N MET B 90 4.21 1.19 21.97
CA MET B 90 3.48 2.24 21.27
C MET B 90 4.16 3.59 21.55
N LYS B 91 4.53 3.82 22.79
CA LYS B 91 5.21 5.06 23.19
C LYS B 91 6.50 5.28 22.36
N ILE B 92 7.41 4.28 22.22
CA ILE B 92 8.64 4.52 21.38
C ILE B 92 8.28 4.59 19.92
N LYS B 93 7.38 3.75 19.45
CA LYS B 93 7.02 3.79 18.05
C LYS B 93 6.53 5.17 17.63
N TYR B 94 5.75 5.86 18.44
CA TYR B 94 5.16 7.12 17.96
C TYR B 94 5.83 8.37 18.54
N ARG B 95 6.89 8.20 19.34
CA ARG B 95 7.60 9.31 20.00
C ARG B 95 7.93 10.43 19.01
N GLN B 96 8.61 10.11 17.90
CA GLN B 96 9.05 11.12 16.88
C GLN B 96 7.84 11.71 16.16
N GLN B 97 6.87 10.88 15.77
CA GLN B 97 5.73 11.37 15.03
C GLN B 97 4.86 12.27 15.92
N ALA B 98 4.75 11.95 17.22
CA ALA B 98 4.02 12.83 18.15
C ALA B 98 4.70 14.22 18.21
N ASP B 99 6.03 14.26 18.26
CA ASP B 99 6.80 15.52 18.17
C ASP B 99 6.40 16.28 16.90
N ASP B 100 6.63 15.65 15.75
CA ASP B 100 6.27 16.16 14.41
C ASP B 100 4.86 16.76 14.36
N LEU B 101 3.85 16.04 14.86
CA LEU B 101 2.44 16.44 14.65
C LEU B 101 1.97 17.35 15.80
N GLY B 102 2.80 17.54 16.82
CA GLY B 102 2.48 18.43 17.94
C GLY B 102 1.48 17.79 18.90
N LEU B 103 1.57 16.47 19.05
CA LEU B 103 0.59 15.70 19.81
C LEU B 103 1.19 15.28 21.14
N ASN B 104 0.37 15.37 22.16
CA ASN B 104 0.71 14.89 23.47
C ASN B 104 0.13 13.48 23.60
N MET B 105 0.99 12.48 23.70
CA MET B 105 0.55 11.12 23.89
C MET B 105 0.79 10.70 25.33
N THR B 106 -0.26 10.23 26.00
CA THR B 106 -0.17 9.86 27.40
C THR B 106 -0.65 8.42 27.55
N PHE B 107 -0.05 7.72 28.51
CA PHE B 107 -0.40 6.36 28.91
C PHE B 107 -0.64 6.35 30.43
N ASN B 108 -1.89 6.11 30.87
CA ASN B 108 -2.32 6.50 32.23
C ASN B 108 -2.91 5.30 32.99
N TYR B 109 -2.42 5.07 34.21
CA TYR B 109 -3.06 4.15 35.21
C TYR B 109 -2.85 2.69 34.81
N CYS B 110 -1.77 2.36 34.07
CA CYS B 110 -1.57 0.98 33.57
C CYS B 110 -0.42 0.24 34.28
N LYS B 111 0.41 0.96 35.03
CA LYS B 111 1.61 0.43 35.71
C LYS B 111 1.26 -0.84 36.47
N LYS B 112 1.99 -1.93 36.21
CA LYS B 112 1.94 -3.18 36.97
C LYS B 112 0.68 -4.00 36.71
N ARG B 113 -0.21 -3.58 35.83
CA ARG B 113 -1.36 -4.42 35.54
C ARG B 113 -0.93 -5.56 34.60
N VAL B 114 -1.38 -6.75 34.94
CA VAL B 114 -1.08 -7.92 34.19
C VAL B 114 -2.37 -8.43 33.54
N TRP B 115 -2.37 -8.44 32.19
CA TRP B 115 -3.55 -8.75 31.35
C TRP B 115 -3.29 -10.04 30.57
N SER B 116 -4.27 -10.51 29.79
CA SER B 116 -4.07 -11.65 28.91
C SER B 116 -4.30 -11.18 27.47
N TYR B 117 -3.28 -11.16 26.62
CA TYR B 117 -3.46 -10.64 25.27
C TYR B 117 -2.31 -11.17 24.43
N ASP B 118 -2.51 -11.07 23.14
CA ASP B 118 -1.52 -11.40 22.15
C ASP B 118 -0.78 -10.12 21.77
N MET B 119 0.51 -10.08 22.11
CA MET B 119 1.29 -8.85 22.00
C MET B 119 1.32 -8.40 20.55
N ASP B 120 1.72 -9.27 19.63
CA ASP B 120 1.91 -8.86 18.23
C ASP B 120 0.57 -8.43 17.61
N ARG B 121 -0.54 -9.11 17.91
CA ARG B 121 -1.85 -8.76 17.35
C ARG B 121 -2.41 -7.48 18.03
N MET B 122 -2.23 -7.28 19.34
CA MET B 122 -2.69 -6.05 19.94
C MET B 122 -1.82 -4.86 19.52
N ASP B 123 -0.55 -5.05 19.27
CA ASP B 123 0.32 -4.02 18.66
C ASP B 123 -0.32 -3.55 17.35
N GLN B 124 -0.71 -4.50 16.54
CA GLN B 124 -1.36 -4.15 15.24
C GLN B 124 -2.63 -3.34 15.46
N VAL B 125 -3.46 -3.74 16.43
CA VAL B 125 -4.74 -3.08 16.73
C VAL B 125 -4.49 -1.64 17.23
N LEU B 126 -3.63 -1.49 18.25
CA LEU B 126 -3.35 -0.17 18.82
C LEU B 126 -2.66 0.75 17.79
N THR B 127 -1.79 0.17 16.95
CA THR B 127 -1.20 0.91 15.83
C THR B 127 -2.33 1.48 14.97
N ASN B 128 -3.29 0.64 14.54
CA ASN B 128 -4.36 1.13 13.70
C ASN B 128 -5.17 2.21 14.45
N LEU B 129 -5.49 2.05 15.74
CA LEU B 129 -6.28 3.08 16.42
C LEU B 129 -5.51 4.40 16.56
N ILE B 130 -4.25 4.35 16.91
CA ILE B 130 -3.40 5.54 17.03
CA ILE B 130 -3.44 5.55 17.03
C ILE B 130 -3.27 6.18 15.64
N ASP B 131 -3.15 5.33 14.61
CA ASP B 131 -2.96 5.82 13.24
C ASP B 131 -4.19 6.65 12.86
N ASN B 132 -5.36 6.12 13.22
CA ASN B 132 -6.64 6.72 12.98
C ASN B 132 -6.77 8.06 13.73
N ALA B 133 -6.49 8.08 15.03
CA ALA B 133 -6.50 9.32 15.78
C ALA B 133 -5.48 10.32 15.18
N SER B 134 -4.35 9.84 14.67
CA SER B 134 -3.29 10.73 14.19
C SER B 134 -3.71 11.41 12.88
N ARG B 135 -4.65 10.78 12.18
CA ARG B 135 -5.19 11.36 10.97
C ARG B 135 -5.99 12.62 11.32
N TYR B 136 -6.81 12.57 12.38
CA TYR B 136 -7.92 13.52 12.65
C TYR B 136 -7.57 14.48 13.78
N THR B 137 -6.30 14.76 13.93
CA THR B 137 -5.90 15.51 15.07
C THR B 137 -5.05 16.66 14.52
N LYS B 138 -4.75 17.66 15.36
CA LYS B 138 -4.04 18.88 14.96
C LYS B 138 -3.02 19.23 16.06
N PRO B 139 -2.11 20.16 15.76
CA PRO B 139 -1.14 20.42 16.84
C PRO B 139 -1.82 20.91 18.13
N GLY B 140 -1.26 20.51 19.27
CA GLY B 140 -1.89 20.75 20.55
C GLY B 140 -2.94 19.72 20.95
N ASP B 141 -3.26 18.73 20.11
CA ASP B 141 -4.25 17.73 20.50
C ASP B 141 -3.59 16.65 21.35
N GLU B 142 -4.43 15.89 22.03
CA GLU B 142 -3.97 14.84 22.91
C GLU B 142 -4.54 13.50 22.45
N ILE B 143 -3.72 12.45 22.58
CA ILE B 143 -4.12 11.04 22.47
C ILE B 143 -3.81 10.39 23.83
N ALA B 144 -4.83 9.98 24.56
CA ALA B 144 -4.67 9.49 25.92
C ALA B 144 -5.14 8.05 25.99
N ILE B 145 -4.24 7.15 26.35
CA ILE B 145 -4.61 5.77 26.55
CA ILE B 145 -4.61 5.78 26.55
C ILE B 145 -4.64 5.52 28.06
N THR B 146 -5.74 4.94 28.53
CA THR B 146 -5.96 4.79 29.97
C THR B 146 -6.45 3.37 30.25
N CYS B 147 -5.98 2.76 31.34
CA CYS B 147 -6.41 1.43 31.71
C CYS B 147 -7.44 1.54 32.82
N ASP B 148 -8.31 0.52 32.86
CA ASP B 148 -9.32 0.38 33.90
C ASP B 148 -9.71 -1.09 33.97
N GLU B 149 -10.74 -1.40 34.74
CA GLU B 149 -11.16 -2.79 34.90
C GLU B 149 -12.59 -2.81 35.44
N ASN B 150 -13.34 -3.86 35.19
CA ASN B 150 -14.57 -4.16 35.95
C ASN B 150 -14.34 -5.51 36.62
N GLU B 151 -15.42 -6.24 36.96
CA GLU B 151 -15.23 -7.38 37.84
C GLU B 151 -14.62 -8.54 37.03
N SER B 152 -14.94 -8.62 35.73
CA SER B 152 -14.48 -9.74 34.93
C SER B 152 -13.52 -9.32 33.79
N GLU B 153 -13.35 -8.03 33.55
CA GLU B 153 -12.75 -7.53 32.31
C GLU B 153 -11.72 -6.43 32.61
N ASP B 154 -10.63 -6.44 31.83
CA ASP B 154 -9.70 -5.32 31.76
C ASP B 154 -10.11 -4.40 30.62
N ILE B 155 -9.90 -3.10 30.81
CA ILE B 155 -10.47 -2.10 29.96
C ILE B 155 -9.38 -1.12 29.53
N LEU B 156 -9.30 -0.88 28.21
CA LEU B 156 -8.39 0.13 27.65
C LEU B 156 -9.22 1.19 26.93
N TYR B 157 -8.99 2.44 27.27
CA TYR B 157 -9.62 3.57 26.63
C TYR B 157 -8.57 4.22 25.73
N ILE B 158 -8.93 4.50 24.49
CA ILE B 158 -8.10 5.27 23.59
CA ILE B 158 -8.10 5.28 23.60
C ILE B 158 -8.91 6.51 23.19
N LYS B 159 -8.48 7.67 23.64
CA LYS B 159 -9.30 8.86 23.51
C LYS B 159 -8.47 9.90 22.79
N ASP B 160 -9.09 10.73 21.97
CA ASP B 160 -8.36 11.84 21.39
C ASP B 160 -9.26 13.08 21.40
N THR B 161 -8.62 14.23 21.32
CA THR B 161 -9.28 15.51 21.44
C THR B 161 -9.46 16.13 20.06
N GLY B 162 -9.90 15.32 19.10
CA GLY B 162 -9.95 15.72 17.68
C GLY B 162 -11.34 16.18 17.26
N GLN B 189 -17.94 3.80 3.60
CA GLN B 189 -17.24 3.01 2.59
C GLN B 189 -15.77 3.45 2.48
N GLY B 190 -15.38 4.50 3.19
CA GLY B 190 -14.01 5.06 3.08
C GLY B 190 -13.29 5.14 4.42
N THR B 191 -13.16 4.01 5.11
CA THR B 191 -13.66 2.70 4.66
C THR B 191 -14.25 1.94 5.85
N GLY B 192 -13.48 1.91 6.94
CA GLY B 192 -13.85 1.15 8.09
C GLY B 192 -13.11 -0.17 8.17
N LEU B 193 -12.35 -0.55 7.13
CA LEU B 193 -11.77 -1.87 7.11
C LEU B 193 -10.82 -2.04 8.30
N GLY B 194 -9.92 -1.07 8.49
CA GLY B 194 -8.94 -1.10 9.60
C GLY B 194 -9.64 -1.37 10.94
N LEU B 195 -10.70 -0.62 11.22
CA LEU B 195 -11.41 -0.74 12.52
C LEU B 195 -12.23 -2.04 12.56
N PHE B 196 -12.68 -2.50 11.38
CA PHE B 196 -13.43 -3.75 11.30
C PHE B 196 -12.48 -4.94 11.59
N ILE B 197 -11.27 -4.92 11.05
CA ILE B 197 -10.31 -5.96 11.38
C ILE B 197 -9.94 -5.85 12.88
N CYS B 198 -9.75 -4.64 13.36
CA CYS B 198 -9.48 -4.48 14.82
C CYS B 198 -10.55 -5.20 15.65
N LYS B 199 -11.82 -4.97 15.33
CA LYS B 199 -12.96 -5.55 16.06
C LYS B 199 -12.89 -7.08 16.04
N MET B 200 -12.52 -7.66 14.89
CA MET B 200 -12.38 -9.13 14.74
C MET B 200 -11.25 -9.65 15.63
N ILE B 201 -10.08 -9.01 15.59
CA ILE B 201 -8.95 -9.44 16.46
C ILE B 201 -9.37 -9.38 17.94
N ILE B 202 -10.02 -8.31 18.36
CA ILE B 202 -10.45 -8.14 19.77
CA ILE B 202 -10.44 -8.16 19.78
C ILE B 202 -11.52 -9.20 20.10
N GLU B 203 -12.44 -9.41 19.19
CA GLU B 203 -13.43 -10.44 19.45
C GLU B 203 -12.77 -11.80 19.53
N GLU B 204 -11.72 -12.07 18.75
CA GLU B 204 -10.97 -13.34 18.91
C GLU B 204 -10.23 -13.42 20.25
N HIS B 205 -10.03 -12.33 20.96
CA HIS B 205 -9.51 -12.38 22.34
C HIS B 205 -10.61 -12.72 23.33
N GLY B 206 -11.86 -12.83 22.86
CA GLY B 206 -12.99 -13.01 23.71
C GLY B 206 -13.50 -11.68 24.20
N GLY B 207 -13.06 -10.59 23.57
CA GLY B 207 -13.33 -9.29 24.12
C GLY B 207 -14.29 -8.50 23.25
N SER B 208 -14.32 -7.21 23.48
CA SER B 208 -15.19 -6.33 22.68
C SER B 208 -14.53 -4.97 22.45
N ILE B 209 -15.00 -4.30 21.41
CA ILE B 209 -14.62 -2.94 21.15
C ILE B 209 -15.88 -2.11 20.86
N ASP B 210 -15.94 -0.90 21.39
CA ASP B 210 -16.97 0.07 21.05
C ASP B 210 -16.29 1.43 20.80
N VAL B 211 -17.03 2.33 20.16
CA VAL B 211 -16.57 3.70 19.95
C VAL B 211 -17.70 4.64 20.34
N LYS B 212 -17.31 5.75 20.93
CA LYS B 212 -18.15 6.91 21.07
C LYS B 212 -17.44 8.07 20.37
N SER B 213 -18.18 8.86 19.62
CA SER B 213 -17.62 10.08 19.05
C SER B 213 -18.64 11.23 19.12
N GLU B 214 -18.18 12.40 19.54
CA GLU B 214 -18.95 13.62 19.47
C GLU B 214 -18.26 14.57 18.47
N LEU B 215 -19.03 15.30 17.65
CA LEU B 215 -18.42 16.26 16.72
C LEU B 215 -17.92 17.49 17.50
N GLY B 216 -18.34 17.62 18.76
CA GLY B 216 -17.51 18.30 19.77
C GLY B 216 -16.43 17.35 20.28
N LYS B 217 -15.61 17.79 21.24
CA LYS B 217 -14.67 16.91 22.01
C LYS B 217 -13.81 16.06 21.04
N GLY B 218 -14.20 14.81 20.77
CA GLY B 218 -13.36 13.90 19.95
C GLY B 218 -13.87 12.47 19.99
N THR B 219 -12.98 11.48 20.00
CA THR B 219 -13.49 10.11 20.01
C THR B 219 -12.74 9.25 21.04
N THR B 220 -13.50 8.28 21.53
CA THR B 220 -13.07 7.29 22.49
C THR B 220 -13.40 5.89 21.97
N PHE B 221 -12.38 5.07 21.95
CA PHE B 221 -12.52 3.65 21.71
C PHE B 221 -12.42 2.96 23.07
N ILE B 222 -13.25 1.97 23.29
N ILE B 222 -13.31 2.03 23.37
CA ILE B 222 -13.26 1.21 24.51
CA ILE B 222 -13.21 1.23 24.59
C ILE B 222 -12.98 -0.26 24.17
C ILE B 222 -12.97 -0.23 24.17
N ILE B 223 -11.83 -0.76 24.61
CA ILE B 223 -11.52 -2.15 24.44
C ILE B 223 -11.70 -2.87 25.79
N LYS B 224 -12.43 -3.95 25.77
CA LYS B 224 -12.56 -4.83 26.93
C LYS B 224 -12.04 -6.23 26.59
N LEU B 225 -11.21 -6.76 27.45
CA LEU B 225 -10.67 -8.09 27.31
C LEU B 225 -10.96 -8.86 28.60
N PRO B 226 -11.22 -10.16 28.48
CA PRO B 226 -11.38 -11.02 29.65
C PRO B 226 -10.13 -10.95 30.55
N LYS B 227 -10.34 -10.93 31.86
CA LYS B 227 -9.24 -11.01 32.82
C LYS B 227 -8.51 -12.35 32.68
N PRO B 228 -7.22 -12.37 33.04
CA PRO B 228 -6.52 -13.64 33.09
C PRO B 228 -7.27 -14.59 34.05
N GLU B 229 -7.55 -15.82 33.61
CA GLU B 229 -8.26 -16.83 34.41
C GLU B 229 -7.42 -17.23 35.62
C1 MPD C . -6.50 -5.50 3.90
C2 MPD C . -5.98 -5.70 2.49
O2 MPD C . -5.08 -6.79 2.58
CM MPD C . -7.11 -6.08 1.54
C3 MPD C . -5.23 -4.46 2.03
C4 MPD C . -4.08 -4.82 1.10
O4 MPD C . -3.38 -3.61 0.77
C5 MPD C . -3.05 -5.79 1.70
#